data_6X8U
#
_entry.id   6X8U
#
_cell.length_a   60.294
_cell.length_b   60.294
_cell.length_c   233.719
_cell.angle_alpha   90.000
_cell.angle_beta   90.000
_cell.angle_gamma   120.000
#
_symmetry.space_group_name_H-M   'P 32 2 1'
#
loop_
_entity.id
_entity.type
_entity.pdbx_description
1 polymer '3D11 Fab heavy chain'
2 polymer '3D11 Fab light chain'
3 polymer 'Mixed peptide'
4 non-polymer GLYCEROL
5 water water
#
loop_
_entity_poly.entity_id
_entity_poly.type
_entity_poly.pdbx_seq_one_letter_code
_entity_poly.pdbx_strand_id
1 'polypeptide(L)'
;QAYLQQSGAELVRSGASVKMSCKASGYTFTSYNMHWVKQTPGQGLEWIGYIYPGNGVTNFNQKFKGKATLTADTSSSTAY
MQISSLTSEDSAVYFCASAAYWGQGTLVTVSSASTKGPSVFPLAPSSKSTSGGTAALGCLVKDYFPEPVTVSWNSGALTS
GVHTFPAVLQSSGLYSLSSVVTVPSSSLGTQTYICNVNHKPSNTKVDKKVEPKSC
;
H
2 'polypeptide(L)'
;DVVMTQTPLTLSVTIGQPASISCKSSQSLLYSDGKTYLNWLLQRPGQSPKRLISLVSELDSGVPDRFTGSGSGTDFTLKI
SRVEAEDLGVYYCWQGTHFPRTFGGGTKLEIKRTVAAPSVFIFPPSDEQLKSGTASVVCLLNNFYPREAKVQWKVDNALQ
SGNSQESVTEQDSKDSTYSLSSTLTLSKADYEKHKVYACEVTHQGLSSPVTKSFNRGEC
;
L
3 'polypeptide(L)' PPPPNPNDPAPPNAND P
#
loop_
_chem_comp.id
_chem_comp.type
_chem_comp.name
_chem_comp.formula
GOL non-polymer GLYCEROL 'C3 H8 O3'
#
# COMPACT_ATOMS: atom_id res chain seq x y z
N ALA A 2 19.56 -8.43 -0.11
CA ALA A 2 19.13 -9.32 0.98
C ALA A 2 17.70 -9.01 1.42
N TYR A 3 17.19 -9.69 2.47
CA TYR A 3 15.78 -9.53 2.72
C TYR A 3 15.33 -9.99 4.11
N LEU A 4 14.18 -9.45 4.49
CA LEU A 4 13.47 -9.74 5.72
C LEU A 4 12.06 -10.14 5.32
N GLN A 5 11.63 -11.32 5.72
CA GLN A 5 10.31 -11.85 5.35
CA GLN A 5 10.31 -11.86 5.35
C GLN A 5 9.45 -11.97 6.61
N GLN A 6 8.39 -11.18 6.67
CA GLN A 6 7.52 -11.20 7.84
C GLN A 6 6.32 -12.15 7.66
N SER A 7 5.79 -12.61 8.79
CA SER A 7 4.62 -13.47 8.82
C SER A 7 3.36 -12.69 8.42
N GLY A 8 2.28 -13.44 8.17
CA GLY A 8 1.10 -12.84 7.56
C GLY A 8 0.22 -12.10 8.57
N ALA A 9 -0.83 -11.48 8.02
CA ALA A 9 -1.70 -10.66 8.82
C ALA A 9 -2.44 -11.48 9.87
N GLU A 10 -2.83 -10.79 10.96
CA GLU A 10 -3.43 -11.38 12.15
C GLU A 10 -4.68 -10.64 12.59
N LEU A 11 -5.74 -11.39 12.87
CA LEU A 11 -6.92 -10.92 13.59
C LEU A 11 -6.83 -11.45 15.02
N VAL A 12 -6.87 -10.56 16.01
CA VAL A 12 -6.67 -10.90 17.41
CA VAL A 12 -6.74 -10.97 17.40
C VAL A 12 -7.73 -10.22 18.26
N ARG A 13 -8.22 -10.91 19.30
CA ARG A 13 -9.21 -10.33 20.20
C ARG A 13 -8.60 -9.34 21.19
N SER A 14 -9.41 -8.36 21.62
CA SER A 14 -9.01 -7.45 22.67
C SER A 14 -8.57 -8.23 23.90
N GLY A 15 -7.42 -7.84 24.47
CA GLY A 15 -6.88 -8.47 25.65
C GLY A 15 -6.04 -9.70 25.40
N ALA A 16 -6.06 -10.24 24.18
CA ALA A 16 -5.23 -11.39 23.83
C ALA A 16 -3.82 -10.91 23.49
N SER A 17 -2.98 -11.83 23.04
CA SER A 17 -1.62 -11.54 22.59
CA SER A 17 -1.62 -11.54 22.59
C SER A 17 -1.45 -11.98 21.15
N VAL A 18 -0.41 -11.44 20.52
CA VAL A 18 -0.07 -11.83 19.16
C VAL A 18 1.44 -12.06 19.09
N LYS A 19 1.85 -13.03 18.26
CA LYS A 19 3.27 -13.28 18.01
C LYS A 19 3.49 -13.28 16.51
N MET A 20 4.47 -12.48 16.05
CA MET A 20 4.82 -12.38 14.65
C MET A 20 6.31 -12.63 14.46
N SER A 21 6.69 -12.95 13.22
CA SER A 21 8.06 -13.38 12.94
C SER A 21 8.66 -12.59 11.79
N CYS A 22 9.99 -12.64 11.73
CA CYS A 22 10.76 -11.90 10.74
C CYS A 22 11.96 -12.77 10.40
N LYS A 23 11.94 -13.41 9.23
CA LYS A 23 13.02 -14.31 8.82
C LYS A 23 14.06 -13.55 8.00
N ALA A 24 15.33 -13.65 8.41
CA ALA A 24 16.40 -12.89 7.77
C ALA A 24 17.21 -13.77 6.85
N SER A 25 17.66 -13.16 5.74
CA SER A 25 18.66 -13.79 4.87
C SER A 25 19.50 -12.70 4.21
N GLY A 26 20.68 -13.09 3.72
CA GLY A 26 21.49 -12.23 2.87
C GLY A 26 22.33 -11.18 3.58
N TYR A 27 22.43 -11.23 4.90
CA TYR A 27 23.35 -10.42 5.67
C TYR A 27 23.57 -11.20 6.97
N THR A 28 24.54 -10.77 7.77
CA THR A 28 24.83 -11.49 9.00
C THR A 28 23.84 -11.07 10.09
N PHE A 29 22.87 -11.95 10.37
CA PHE A 29 21.78 -11.67 11.31
C PHE A 29 22.30 -11.26 12.68
N THR A 30 23.37 -11.88 13.14
CA THR A 30 23.89 -11.63 14.49
C THR A 30 24.74 -10.36 14.60
N SER A 31 24.97 -9.63 13.51
CA SER A 31 25.87 -8.48 13.53
C SER A 31 25.16 -7.14 13.58
N TYR A 32 23.82 -7.10 13.53
CA TYR A 32 23.07 -5.86 13.50
C TYR A 32 21.88 -5.91 14.44
N ASN A 33 21.59 -4.78 15.09
CA ASN A 33 20.33 -4.67 15.85
C ASN A 33 19.14 -4.97 14.96
N MET A 34 18.19 -5.77 15.48
CA MET A 34 16.94 -6.04 14.79
C MET A 34 15.87 -5.18 15.43
N HIS A 35 15.35 -4.22 14.66
CA HIS A 35 14.39 -3.22 15.15
C HIS A 35 12.98 -3.65 14.83
N TRP A 36 12.05 -3.26 15.70
CA TRP A 36 10.62 -3.33 15.38
C TRP A 36 10.00 -1.95 15.46
N VAL A 37 9.10 -1.66 14.51
CA VAL A 37 8.61 -0.30 14.27
C VAL A 37 7.13 -0.40 13.97
N LYS A 38 6.33 0.43 14.63
CA LYS A 38 4.89 0.49 14.42
C LYS A 38 4.55 1.60 13.45
N GLN A 39 3.63 1.33 12.51
CA GLN A 39 3.02 2.40 11.72
C GLN A 39 1.50 2.27 11.79
N THR A 40 0.84 3.21 12.43
CA THR A 40 -0.61 3.34 12.21
C THR A 40 -0.81 3.90 10.81
N PRO A 41 -1.63 3.26 9.95
CA PRO A 41 -1.74 3.72 8.56
C PRO A 41 -2.19 5.18 8.46
N GLY A 42 -1.61 5.89 7.52
CA GLY A 42 -1.77 7.33 7.41
C GLY A 42 -0.83 8.12 8.28
N GLN A 43 -0.05 7.48 9.14
CA GLN A 43 0.76 8.21 10.09
C GLN A 43 2.21 7.78 9.92
N GLY A 44 3.04 8.19 10.86
CA GLY A 44 4.48 8.04 10.75
C GLY A 44 4.94 6.74 11.34
N LEU A 45 6.21 6.73 11.73
CA LEU A 45 6.87 5.52 12.22
C LEU A 45 7.21 5.72 13.70
N GLU A 46 6.93 4.70 14.51
CA GLU A 46 7.23 4.74 15.94
C GLU A 46 8.07 3.53 16.32
N TRP A 47 9.22 3.78 16.99
CA TRP A 47 10.12 2.69 17.34
C TRP A 47 9.62 1.95 18.58
N ILE A 48 9.57 0.61 18.50
CA ILE A 48 9.17 -0.22 19.64
C ILE A 48 10.37 -0.65 20.47
N GLY A 49 11.37 -1.20 19.80
CA GLY A 49 12.55 -1.69 20.52
C GLY A 49 13.44 -2.43 19.55
N TYR A 50 14.58 -2.90 20.05
CA TYR A 50 15.41 -3.80 19.25
C TYR A 50 15.87 -4.97 20.10
N ILE A 51 16.25 -6.04 19.40
CA ILE A 51 17.13 -7.07 19.99
C ILE A 51 18.40 -7.17 19.14
N TYR A 52 19.55 -7.30 19.82
CA TYR A 52 20.77 -7.59 19.07
C TYR A 52 20.96 -9.09 19.08
N PRO A 53 20.83 -9.80 17.94
CA PRO A 53 20.83 -11.27 17.99
C PRO A 53 22.18 -11.87 18.40
N GLY A 54 23.29 -11.11 18.28
CA GLY A 54 24.60 -11.62 18.70
C GLY A 54 24.68 -11.97 20.17
N ASN A 55 23.89 -11.30 21.02
CA ASN A 55 23.98 -11.59 22.45
C ASN A 55 22.64 -11.51 23.17
N GLY A 56 21.54 -11.23 22.45
CA GLY A 56 20.22 -11.24 23.04
C GLY A 56 19.81 -9.94 23.74
N VAL A 57 20.71 -8.96 23.84
CA VAL A 57 20.39 -7.71 24.53
C VAL A 57 19.23 -7.01 23.84
N THR A 58 18.27 -6.53 24.64
CA THR A 58 17.13 -5.77 24.14
C THR A 58 17.11 -4.37 24.73
N ASN A 59 16.52 -3.45 23.99
CA ASN A 59 16.30 -2.08 24.44
C ASN A 59 14.94 -1.66 23.90
N PHE A 60 14.15 -1.01 24.75
CA PHE A 60 12.75 -0.71 24.41
C PHE A 60 12.43 0.77 24.57
N ASN A 61 11.48 1.20 23.75
CA ASN A 61 10.73 2.42 24.01
C ASN A 61 9.94 2.23 25.30
N GLN A 62 10.02 3.18 26.23
CA GLN A 62 9.32 3.02 27.51
CA GLN A 62 9.31 3.07 27.51
C GLN A 62 7.82 2.77 27.32
N LYS A 63 7.22 3.30 26.24
CA LYS A 63 5.80 3.06 25.95
C LYS A 63 5.48 1.57 25.84
N PHE A 64 6.42 0.77 25.35
CA PHE A 64 6.17 -0.64 25.04
C PHE A 64 6.82 -1.61 26.02
N LYS A 65 7.61 -1.11 26.98
CA LYS A 65 8.15 -1.97 28.02
C LYS A 65 7.04 -2.74 28.72
N GLY A 66 7.24 -4.04 28.87
CA GLY A 66 6.23 -4.85 29.52
C GLY A 66 4.99 -5.12 28.69
N LYS A 67 4.95 -4.62 27.46
CA LYS A 67 3.95 -5.00 26.48
C LYS A 67 4.52 -5.83 25.34
N ALA A 68 5.72 -5.47 24.89
CA ALA A 68 6.38 -6.17 23.79
C ALA A 68 7.50 -7.03 24.36
N THR A 69 7.63 -8.24 23.80
CA THR A 69 8.72 -9.17 24.09
C THR A 69 9.43 -9.48 22.77
N LEU A 70 10.76 -9.31 22.74
CA LEU A 70 11.51 -9.51 21.50
C LEU A 70 12.48 -10.66 21.69
N THR A 71 12.50 -11.58 20.73
CA THR A 71 13.41 -12.72 20.83
C THR A 71 14.05 -12.96 19.47
N ALA A 72 15.11 -13.77 19.45
CA ALA A 72 15.80 -14.05 18.19
C ALA A 72 16.36 -15.47 18.24
N ASP A 73 16.06 -16.24 17.21
CA ASP A 73 16.50 -17.64 17.09
C ASP A 73 17.63 -17.62 16.08
N THR A 74 18.87 -17.73 16.56
CA THR A 74 20.01 -17.62 15.65
C THR A 74 20.19 -18.87 14.80
N SER A 75 19.65 -20.02 15.21
CA SER A 75 19.78 -21.22 14.41
CA SER A 75 19.81 -21.21 14.38
C SER A 75 18.95 -21.13 13.13
N SER A 76 17.85 -20.38 13.18
CA SER A 76 16.97 -20.21 12.04
C SER A 76 17.00 -18.80 11.49
N SER A 77 17.81 -17.92 12.08
CA SER A 77 17.90 -16.51 11.69
C SER A 77 16.52 -15.87 11.63
N THR A 78 15.72 -16.08 12.67
CA THR A 78 14.36 -15.55 12.73
C THR A 78 14.19 -14.75 14.00
N ALA A 79 13.66 -13.54 13.88
CA ALA A 79 13.33 -12.70 15.02
C ALA A 79 11.82 -12.74 15.26
N TYR A 80 11.42 -12.56 16.52
CA TYR A 80 10.01 -12.61 16.87
C TYR A 80 9.62 -11.42 17.73
N MET A 81 8.39 -10.96 17.55
CA MET A 81 7.84 -9.99 18.49
C MET A 81 6.50 -10.52 18.99
N GLN A 82 6.34 -10.50 20.31
CA GLN A 82 5.08 -10.83 20.97
C GLN A 82 4.56 -9.56 21.61
N ILE A 83 3.30 -9.22 21.35
CA ILE A 83 2.65 -8.08 22.00
C ILE A 83 1.50 -8.62 22.84
N SER A 84 1.46 -8.24 24.13
CA SER A 84 0.40 -8.72 25.02
C SER A 84 -0.66 -7.64 25.29
N SER A 85 -1.78 -8.09 25.85
CA SER A 85 -2.88 -7.23 26.30
C SER A 85 -3.32 -6.23 25.22
N LEU A 86 -3.69 -6.76 24.05
CA LEU A 86 -3.95 -5.90 22.91
C LEU A 86 -5.18 -5.02 23.12
N THR A 87 -5.10 -3.77 22.65
CA THR A 87 -6.23 -2.86 22.63
C THR A 87 -6.41 -2.31 21.23
N SER A 88 -7.47 -1.51 21.06
CA SER A 88 -7.74 -0.95 19.73
C SER A 88 -6.56 -0.13 19.19
N GLU A 89 -5.79 0.51 20.07
CA GLU A 89 -4.67 1.35 19.63
C GLU A 89 -3.52 0.53 19.08
N ASP A 90 -3.57 -0.78 19.23
CA ASP A 90 -2.53 -1.68 18.74
C ASP A 90 -2.79 -2.18 17.32
N SER A 91 -3.94 -1.89 16.73
CA SER A 91 -4.16 -2.22 15.34
C SER A 91 -3.26 -1.34 14.49
N ALA A 92 -2.36 -1.95 13.72
CA ALA A 92 -1.36 -1.21 12.98
C ALA A 92 -0.61 -2.19 12.10
N VAL A 93 0.23 -1.65 11.22
CA VAL A 93 1.26 -2.45 10.56
C VAL A 93 2.53 -2.39 11.39
N TYR A 94 3.15 -3.56 11.59
CA TYR A 94 4.39 -3.70 12.34
C TYR A 94 5.49 -4.15 11.39
N PHE A 95 6.60 -3.41 11.38
CA PHE A 95 7.76 -3.73 10.54
C PHE A 95 8.90 -4.23 11.40
N CYS A 96 9.71 -5.14 10.85
CA CYS A 96 11.07 -5.37 11.36
C CYS A 96 12.06 -4.70 10.41
N ALA A 97 13.21 -4.30 10.93
CA ALA A 97 14.21 -3.57 10.14
C ALA A 97 15.58 -3.87 10.71
N SER A 98 16.54 -4.18 9.85
CA SER A 98 17.89 -4.44 10.31
C SER A 98 18.86 -4.17 9.17
N ALA A 99 20.00 -3.56 9.48
CA ALA A 99 21.01 -3.26 8.45
C ALA A 99 20.32 -2.46 7.35
N ALA A 100 20.49 -2.83 6.08
CA ALA A 100 19.94 -2.06 4.99
C ALA A 100 18.51 -2.46 4.64
N TYR A 101 17.86 -3.33 5.42
CA TYR A 101 16.61 -3.96 4.99
C TYR A 101 15.44 -3.64 5.90
N TRP A 102 14.24 -3.61 5.32
CA TRP A 102 12.99 -3.60 6.05
C TRP A 102 12.15 -4.79 5.59
N GLY A 103 11.38 -5.36 6.51
CA GLY A 103 10.39 -6.35 6.15
C GLY A 103 9.19 -5.69 5.48
N GLN A 104 8.29 -6.52 5.00
CA GLN A 104 7.15 -6.00 4.24
C GLN A 104 5.99 -5.59 5.13
N GLY A 105 6.09 -5.80 6.44
CA GLY A 105 5.06 -5.45 7.43
C GLY A 105 4.08 -6.58 7.69
N THR A 106 3.58 -6.61 8.92
CA THR A 106 2.52 -7.52 9.36
C THR A 106 1.35 -6.68 9.86
N LEU A 107 0.18 -6.80 9.22
CA LEU A 107 -0.99 -6.04 9.64
C LEU A 107 -1.71 -6.79 10.77
N VAL A 108 -1.86 -6.15 11.92
CA VAL A 108 -2.59 -6.70 13.05
C VAL A 108 -3.89 -5.93 13.21
N THR A 109 -5.02 -6.64 13.25
CA THR A 109 -6.32 -6.04 13.51
C THR A 109 -6.83 -6.57 14.84
N VAL A 110 -7.09 -5.67 15.78
CA VAL A 110 -7.64 -6.03 17.08
C VAL A 110 -9.16 -5.87 17.02
N SER A 111 -9.87 -6.99 17.13
CA SER A 111 -11.32 -6.98 17.00
C SER A 111 -11.90 -8.28 17.55
N SER A 112 -13.07 -8.16 18.17
CA SER A 112 -13.78 -9.36 18.62
CA SER A 112 -13.84 -9.31 18.65
C SER A 112 -14.81 -9.85 17.61
N ALA A 113 -14.91 -9.21 16.44
CA ALA A 113 -15.81 -9.66 15.39
C ALA A 113 -15.29 -10.92 14.72
N SER A 114 -16.21 -11.75 14.23
CA SER A 114 -15.82 -12.96 13.52
C SER A 114 -15.26 -12.62 12.15
N THR A 115 -14.27 -13.39 11.72
CA THR A 115 -13.71 -13.21 10.40
C THR A 115 -14.72 -13.64 9.35
N LYS A 116 -14.66 -13.02 8.17
CA LYS A 116 -15.54 -13.38 7.06
C LYS A 116 -14.74 -13.35 5.77
N GLY A 117 -14.77 -14.46 5.01
CA GLY A 117 -14.10 -14.53 3.74
C GLY A 117 -14.86 -13.82 2.62
N PRO A 118 -14.12 -13.37 1.58
CA PRO A 118 -14.77 -12.61 0.51
C PRO A 118 -15.49 -13.48 -0.51
N SER A 119 -16.53 -12.88 -1.11
CA SER A 119 -17.08 -13.33 -2.39
CA SER A 119 -17.05 -13.35 -2.39
C SER A 119 -16.31 -12.67 -3.51
N VAL A 120 -16.11 -13.39 -4.62
CA VAL A 120 -15.34 -12.85 -5.73
C VAL A 120 -16.18 -12.89 -7.00
N PHE A 121 -16.40 -11.73 -7.60
CA PHE A 121 -17.26 -11.64 -8.78
C PHE A 121 -16.48 -11.09 -9.97
N PRO A 122 -16.71 -11.63 -11.16
CA PRO A 122 -16.01 -11.12 -12.34
C PRO A 122 -16.49 -9.74 -12.75
N LEU A 123 -15.54 -8.93 -13.20
CA LEU A 123 -15.77 -7.68 -13.93
C LEU A 123 -15.46 -8.02 -15.38
N ALA A 124 -16.52 -8.42 -16.13
CA ALA A 124 -16.34 -9.04 -17.43
C ALA A 124 -16.05 -8.01 -18.52
N PRO A 125 -15.08 -8.25 -19.41
CA PRO A 125 -14.85 -7.30 -20.49
C PRO A 125 -15.94 -7.39 -21.54
N SER A 126 -16.20 -6.25 -22.19
CA SER A 126 -17.25 -6.17 -23.21
C SER A 126 -16.96 -5.00 -24.14
N SER A 127 -17.87 -4.73 -25.09
CA SER A 127 -17.72 -3.53 -25.90
C SER A 127 -17.83 -2.27 -25.06
N LYS A 128 -18.33 -2.37 -23.81
CA LYS A 128 -18.44 -1.22 -22.91
C LYS A 128 -17.21 -1.05 -22.03
N SER A 129 -16.24 -1.94 -22.12
CA SER A 129 -14.99 -1.80 -21.39
C SER A 129 -13.81 -1.85 -22.35
N THR A 130 -13.93 -1.22 -23.51
CA THR A 130 -12.84 -1.08 -24.44
C THR A 130 -12.50 0.40 -24.60
N SER A 131 -11.22 0.69 -24.74
CA SER A 131 -10.77 2.07 -24.94
C SER A 131 -9.51 2.01 -25.79
N GLY A 132 -9.52 2.70 -26.91
CA GLY A 132 -8.37 2.75 -27.80
C GLY A 132 -7.85 1.40 -28.22
N GLY A 133 -8.73 0.42 -28.39
CA GLY A 133 -8.30 -0.91 -28.78
C GLY A 133 -7.85 -1.81 -27.65
N THR A 134 -7.80 -1.31 -26.41
CA THR A 134 -7.49 -2.12 -25.24
C THR A 134 -8.80 -2.50 -24.57
N ALA A 135 -8.77 -3.53 -23.73
CA ALA A 135 -9.93 -3.92 -22.96
C ALA A 135 -9.56 -3.98 -21.49
N ALA A 136 -10.46 -3.52 -20.63
CA ALA A 136 -10.30 -3.72 -19.20
C ALA A 136 -11.20 -4.85 -18.70
N LEU A 137 -10.70 -5.54 -17.68
CA LEU A 137 -11.43 -6.62 -17.01
C LEU A 137 -10.97 -6.66 -15.56
N GLY A 138 -11.67 -7.38 -14.71
CA GLY A 138 -11.23 -7.39 -13.32
C GLY A 138 -12.00 -8.36 -12.46
N CYS A 139 -11.84 -8.22 -11.13
CA CYS A 139 -12.66 -8.95 -10.18
CA CYS A 139 -12.59 -8.97 -10.13
C CYS A 139 -13.03 -8.03 -9.03
N LEU A 140 -14.25 -8.19 -8.56
CA LEU A 140 -14.79 -7.44 -7.43
C LEU A 140 -14.78 -8.37 -6.23
N VAL A 141 -13.98 -8.01 -5.21
CA VAL A 141 -13.74 -8.83 -4.02
C VAL A 141 -14.57 -8.21 -2.89
N LYS A 142 -15.67 -8.85 -2.53
CA LYS A 142 -16.69 -8.18 -1.74
C LYS A 142 -16.98 -8.90 -0.42
N ASP A 143 -17.24 -8.12 0.64
CA ASP A 143 -17.85 -8.59 1.88
C ASP A 143 -16.91 -9.45 2.74
N TYR A 144 -15.72 -8.92 3.02
CA TYR A 144 -14.77 -9.65 3.85
C TYR A 144 -14.38 -8.82 5.07
N PHE A 145 -13.83 -9.52 6.08
CA PHE A 145 -13.37 -8.88 7.31
C PHE A 145 -12.34 -9.78 7.97
N PRO A 146 -11.19 -9.25 8.45
CA PRO A 146 -10.71 -7.86 8.35
C PRO A 146 -9.89 -7.73 7.09
N GLU A 147 -9.22 -6.60 6.90
CA GLU A 147 -8.18 -6.55 5.89
C GLU A 147 -7.00 -7.40 6.35
N PRO A 148 -6.12 -7.80 5.44
CA PRO A 148 -6.14 -7.59 3.99
C PRO A 148 -6.52 -8.82 3.21
N VAL A 149 -6.88 -8.61 1.95
CA VAL A 149 -6.83 -9.66 0.95
C VAL A 149 -5.63 -9.42 0.06
N THR A 150 -5.07 -10.48 -0.48
CA THR A 150 -4.08 -10.37 -1.54
C THR A 150 -4.73 -10.84 -2.82
N VAL A 151 -4.47 -10.10 -3.90
CA VAL A 151 -4.95 -10.44 -5.23
C VAL A 151 -3.76 -10.61 -6.14
N SER A 152 -3.65 -11.78 -6.79
CA SER A 152 -2.78 -11.92 -7.93
C SER A 152 -3.60 -12.31 -9.15
N TRP A 153 -2.95 -12.29 -10.30
CA TRP A 153 -3.56 -12.63 -11.57
C TRP A 153 -2.73 -13.72 -12.22
N ASN A 154 -3.42 -14.77 -12.69
CA ASN A 154 -2.77 -15.88 -13.38
C ASN A 154 -1.62 -16.45 -12.56
N SER A 155 -1.90 -16.64 -11.27
CA SER A 155 -0.93 -17.21 -10.34
C SER A 155 0.37 -16.44 -10.33
N GLY A 156 0.29 -15.14 -10.52
CA GLY A 156 1.47 -14.30 -10.50
C GLY A 156 2.13 -14.11 -11.85
N ALA A 157 1.66 -14.79 -12.90
CA ALA A 157 2.26 -14.59 -14.22
C ALA A 157 1.83 -13.29 -14.87
N LEU A 158 0.78 -12.65 -14.35
CA LEU A 158 0.29 -11.38 -14.86
C LEU A 158 0.47 -10.30 -13.79
N THR A 159 1.32 -9.32 -14.09
CA THR A 159 1.53 -8.19 -13.19
C THR A 159 1.41 -6.84 -13.89
N SER A 160 1.73 -6.79 -15.16
CA SER A 160 1.70 -5.53 -15.89
C SER A 160 0.26 -5.05 -16.11
N GLY A 161 0.03 -3.74 -15.99
CA GLY A 161 -1.29 -3.21 -16.30
C GLY A 161 -2.34 -3.42 -15.21
N VAL A 162 -1.96 -3.89 -14.04
CA VAL A 162 -2.89 -4.17 -12.95
C VAL A 162 -3.06 -2.94 -12.07
N HIS A 163 -4.28 -2.66 -11.68
CA HIS A 163 -4.55 -1.76 -10.57
C HIS A 163 -5.40 -2.50 -9.55
N THR A 164 -4.82 -2.75 -8.37
CA THR A 164 -5.58 -3.30 -7.25
C THR A 164 -5.88 -2.14 -6.31
N PHE A 165 -7.15 -1.76 -6.22
CA PHE A 165 -7.52 -0.53 -5.55
C PHE A 165 -7.57 -0.68 -4.04
N PRO A 166 -7.35 0.42 -3.32
CA PRO A 166 -7.64 0.41 -1.86
C PRO A 166 -9.08 -0.02 -1.60
N ALA A 167 -9.26 -0.88 -0.61
CA ALA A 167 -10.61 -1.31 -0.24
C ALA A 167 -11.43 -0.14 0.31
N VAL A 168 -12.76 -0.25 0.16
CA VAL A 168 -13.67 0.65 0.85
C VAL A 168 -14.36 -0.13 1.95
N LEU A 169 -14.82 0.60 2.95
CA LEU A 169 -15.56 0.04 4.06
C LEU A 169 -17.04 0.22 3.78
N GLN A 170 -17.78 -0.88 3.71
CA GLN A 170 -19.21 -0.77 3.44
C GLN A 170 -19.99 -0.50 4.73
N SER A 171 -21.24 -0.06 4.59
CA SER A 171 -22.03 0.27 5.78
C SER A 171 -22.27 -0.94 6.67
N SER A 172 -22.14 -2.15 6.14
CA SER A 172 -22.21 -3.37 6.93
C SER A 172 -20.98 -3.59 7.82
N GLY A 173 -19.93 -2.80 7.66
CA GLY A 173 -18.69 -3.05 8.36
C GLY A 173 -17.78 -4.04 7.66
N LEU A 174 -18.15 -4.55 6.49
CA LEU A 174 -17.30 -5.40 5.67
C LEU A 174 -16.62 -4.59 4.59
N TYR A 175 -15.48 -5.10 4.10
CA TYR A 175 -14.70 -4.41 3.09
C TYR A 175 -15.04 -4.92 1.69
N SER A 176 -14.75 -4.07 0.70
CA SER A 176 -14.90 -4.42 -0.71
CA SER A 176 -14.85 -4.47 -0.70
C SER A 176 -13.76 -3.78 -1.49
N LEU A 177 -13.18 -4.50 -2.44
CA LEU A 177 -12.17 -3.89 -3.30
C LEU A 177 -12.32 -4.41 -4.72
N SER A 178 -11.75 -3.67 -5.67
CA SER A 178 -11.67 -4.15 -7.03
CA SER A 178 -11.67 -4.09 -7.06
C SER A 178 -10.21 -4.26 -7.47
N SER A 179 -9.97 -5.24 -8.34
CA SER A 179 -8.67 -5.36 -8.99
C SER A 179 -8.92 -5.47 -10.49
N VAL A 180 -8.24 -4.63 -11.29
CA VAL A 180 -8.52 -4.56 -12.72
C VAL A 180 -7.21 -4.66 -13.50
N VAL A 181 -7.33 -5.08 -14.75
CA VAL A 181 -6.18 -5.10 -15.64
CA VAL A 181 -6.20 -5.20 -15.66
C VAL A 181 -6.63 -4.66 -17.03
N THR A 182 -5.73 -3.97 -17.72
CA THR A 182 -5.96 -3.60 -19.11
CA THR A 182 -5.93 -3.56 -19.11
C THR A 182 -5.08 -4.47 -19.98
N VAL A 183 -5.69 -5.04 -21.01
CA VAL A 183 -5.08 -6.04 -21.88
C VAL A 183 -5.41 -5.72 -23.34
N PRO A 184 -4.80 -6.38 -24.32
CA PRO A 184 -5.27 -6.22 -25.72
C PRO A 184 -6.71 -6.69 -25.84
N SER A 185 -7.53 -5.92 -26.56
CA SER A 185 -8.83 -6.47 -26.88
CA SER A 185 -8.84 -6.43 -26.93
C SER A 185 -8.70 -7.64 -27.84
N SER A 186 -7.66 -7.64 -28.70
CA SER A 186 -7.54 -8.62 -29.77
C SER A 186 -7.48 -10.06 -29.28
N SER A 187 -6.94 -10.29 -28.09
CA SER A 187 -6.64 -11.64 -27.62
C SER A 187 -7.59 -12.12 -26.52
N LEU A 188 -8.75 -11.47 -26.35
CA LEU A 188 -9.70 -11.97 -25.36
C LEU A 188 -10.21 -13.36 -25.68
N GLY A 189 -10.10 -13.82 -26.93
CA GLY A 189 -10.55 -15.16 -27.21
C GLY A 189 -9.52 -16.25 -27.00
N THR A 190 -8.25 -15.86 -26.87
CA THR A 190 -7.18 -16.86 -26.70
C THR A 190 -6.53 -16.83 -25.33
N GLN A 191 -6.61 -15.73 -24.60
CA GLN A 191 -5.97 -15.67 -23.29
C GLN A 191 -6.97 -15.99 -22.17
N THR A 192 -6.45 -16.50 -21.06
CA THR A 192 -7.27 -16.76 -19.89
CA THR A 192 -7.25 -16.80 -19.87
C THR A 192 -6.82 -15.84 -18.78
N TYR A 193 -7.79 -15.23 -18.09
CA TYR A 193 -7.50 -14.32 -16.99
C TYR A 193 -8.20 -14.83 -15.74
N ILE A 194 -7.40 -15.19 -14.72
CA ILE A 194 -7.92 -15.73 -13.47
C ILE A 194 -7.40 -14.87 -12.32
N CYS A 195 -8.30 -14.34 -11.49
CA CYS A 195 -7.91 -13.56 -10.32
CA CYS A 195 -7.84 -13.59 -10.33
C CYS A 195 -7.76 -14.53 -9.14
N ASN A 196 -6.64 -14.45 -8.41
CA ASN A 196 -6.36 -15.36 -7.30
C ASN A 196 -6.44 -14.56 -6.01
N VAL A 197 -7.40 -14.88 -5.15
CA VAL A 197 -7.68 -14.05 -3.97
C VAL A 197 -7.40 -14.86 -2.71
N ASN A 198 -6.56 -14.32 -1.83
CA ASN A 198 -6.19 -14.97 -0.59
C ASN A 198 -6.57 -14.07 0.58
N HIS A 199 -7.26 -14.62 1.56
CA HIS A 199 -7.68 -13.90 2.76
C HIS A 199 -7.19 -14.76 3.93
N LYS A 200 -6.00 -14.48 4.44
CA LYS A 200 -5.43 -15.32 5.49
C LYS A 200 -6.28 -15.42 6.75
N PRO A 201 -6.90 -14.34 7.27
CA PRO A 201 -7.60 -14.46 8.55
C PRO A 201 -8.77 -15.44 8.54
N SER A 202 -9.37 -15.68 7.37
CA SER A 202 -10.43 -16.68 7.26
C SER A 202 -9.96 -17.96 6.57
N ASN A 203 -8.68 -18.07 6.25
CA ASN A 203 -8.16 -19.22 5.51
C ASN A 203 -8.95 -19.47 4.22
N THR A 204 -9.24 -18.40 3.48
CA THR A 204 -10.01 -18.48 2.25
C THR A 204 -9.09 -18.22 1.07
N LYS A 205 -9.09 -19.14 0.10
CA LYS A 205 -8.48 -18.93 -1.20
C LYS A 205 -9.57 -19.09 -2.26
N VAL A 206 -9.63 -18.17 -3.21
CA VAL A 206 -10.61 -18.25 -4.30
C VAL A 206 -9.92 -17.90 -5.61
N ASP A 207 -10.10 -18.74 -6.64
CA ASP A 207 -9.65 -18.44 -8.00
C ASP A 207 -10.89 -18.21 -8.85
N LYS A 208 -10.95 -17.07 -9.56
CA LYS A 208 -12.12 -16.77 -10.37
C LYS A 208 -11.67 -16.47 -11.80
N LYS A 209 -12.13 -17.28 -12.76
CA LYS A 209 -11.86 -17.03 -14.16
C LYS A 209 -12.78 -15.92 -14.66
N VAL A 210 -12.23 -14.92 -15.34
CA VAL A 210 -13.01 -13.79 -15.81
C VAL A 210 -13.20 -13.95 -17.31
N GLU A 211 -14.44 -14.17 -17.73
CA GLU A 211 -14.66 -14.43 -19.15
C GLU A 211 -15.42 -13.27 -19.78
N PRO A 212 -15.20 -13.03 -21.08
CA PRO A 212 -15.90 -11.91 -21.74
C PRO A 212 -17.40 -12.06 -21.76
N LYS A 213 -18.12 -10.93 -21.76
CA LYS A 213 -19.54 -10.92 -22.04
C LYS A 213 -19.78 -10.82 -23.54
N SER A 214 -20.97 -11.27 -23.99
CA SER A 214 -21.29 -11.23 -25.42
C SER A 214 -21.53 -9.81 -25.90
N CYS A 215 -22.15 -8.96 -25.07
CA CYS A 215 -22.40 -7.55 -25.41
C CYS A 215 -21.13 -6.72 -25.65
N ASP B 1 13.06 12.67 24.96
CA ASP B 1 13.36 12.10 23.64
C ASP B 1 13.94 13.16 22.70
N VAL B 2 14.71 12.71 21.71
CA VAL B 2 15.26 13.62 20.72
C VAL B 2 14.25 13.71 19.60
N VAL B 3 13.76 14.93 19.33
CA VAL B 3 12.72 15.18 18.33
C VAL B 3 13.37 15.42 16.99
N MET B 4 12.81 14.81 15.93
CA MET B 4 13.32 14.94 14.56
C MET B 4 12.29 15.75 13.80
N THR B 5 12.65 16.96 13.35
CA THR B 5 11.74 17.85 12.65
C THR B 5 12.11 17.89 11.17
N GLN B 6 11.19 17.47 10.31
CA GLN B 6 11.44 17.40 8.88
C GLN B 6 10.66 18.47 8.17
N THR B 7 11.31 19.16 7.24
CA THR B 7 10.59 20.10 6.38
CA THR B 7 10.69 20.20 6.40
C THR B 7 11.11 19.98 4.96
N PRO B 8 10.26 20.26 3.97
CA PRO B 8 8.83 20.59 4.11
C PRO B 8 7.98 19.36 4.40
N LEU B 9 6.69 19.55 4.66
CA LEU B 9 5.79 18.41 4.81
C LEU B 9 5.51 17.74 3.48
N THR B 10 5.41 18.53 2.41
CA THR B 10 5.15 18.06 1.05
C THR B 10 6.04 18.78 0.06
N LEU B 11 6.56 18.02 -0.92
CA LEU B 11 7.34 18.51 -2.04
C LEU B 11 6.56 18.15 -3.29
N SER B 12 6.15 19.16 -4.07
CA SER B 12 5.46 18.93 -5.34
CA SER B 12 5.46 18.95 -5.33
C SER B 12 6.41 19.37 -6.44
N VAL B 13 6.91 18.40 -7.21
CA VAL B 13 8.04 18.67 -8.11
C VAL B 13 7.78 18.12 -9.51
N THR B 14 8.43 18.74 -10.49
CA THR B 14 8.39 18.23 -11.85
C THR B 14 9.59 17.33 -12.09
N ILE B 15 9.45 16.46 -13.09
CA ILE B 15 10.53 15.60 -13.50
C ILE B 15 11.70 16.46 -13.94
N GLY B 16 12.88 16.14 -13.41
CA GLY B 16 14.08 16.89 -13.69
C GLY B 16 14.43 17.97 -12.69
N GLN B 17 13.54 18.33 -11.81
CA GLN B 17 13.71 19.41 -10.83
C GLN B 17 14.63 18.93 -9.70
N PRO B 18 15.54 19.75 -9.20
CA PRO B 18 16.23 19.41 -7.94
C PRO B 18 15.27 19.47 -6.75
N ALA B 19 15.57 18.70 -5.72
CA ALA B 19 14.73 18.67 -4.53
C ALA B 19 15.63 18.60 -3.30
N SER B 20 15.18 19.20 -2.19
CA SER B 20 15.95 19.18 -0.94
CA SER B 20 15.94 19.12 -0.94
C SER B 20 15.00 18.97 0.24
N ILE B 21 15.38 18.11 1.19
CA ILE B 21 14.59 17.85 2.38
C ILE B 21 15.48 18.08 3.59
N SER B 22 14.96 18.79 4.60
CA SER B 22 15.72 19.10 5.80
C SER B 22 15.26 18.25 6.97
N CYS B 23 16.21 17.81 7.79
CA CYS B 23 15.90 17.07 9.02
C CYS B 23 16.74 17.74 10.10
N LYS B 24 16.08 18.31 11.11
CA LYS B 24 16.77 18.90 12.24
C LYS B 24 16.45 18.13 13.52
N SER B 25 17.48 17.78 14.28
CA SER B 25 17.30 17.06 15.53
C SER B 25 17.37 18.03 16.71
N SER B 26 16.68 17.70 17.81
CA SER B 26 16.65 18.63 18.94
C SER B 26 17.94 18.58 19.77
N GLN B 27 18.76 17.57 19.52
CA GLN B 27 20.03 17.41 20.21
C GLN B 27 21.03 16.84 19.20
N SER B 28 22.32 17.07 19.48
CA SER B 28 23.36 16.55 18.60
C SER B 28 23.23 15.03 18.42
N LEU B 29 23.45 14.56 17.19
CA LEU B 29 23.45 13.13 16.88
C LEU B 29 24.86 12.51 16.89
N LEU B 30 25.88 13.24 17.36
CA LEU B 30 27.23 12.65 17.48
C LEU B 30 27.26 11.61 18.58
N TYR B 31 27.64 10.38 18.25
CA TYR B 31 27.76 9.33 19.24
C TYR B 31 29.20 9.26 19.79
N SER B 32 29.36 8.51 20.87
CA SER B 32 30.65 8.51 21.56
C SER B 32 31.73 7.75 20.81
N ASP B 33 31.38 7.00 19.76
CA ASP B 33 32.38 6.40 18.88
C ASP B 33 32.78 7.31 17.73
N GLY B 34 32.30 8.56 17.70
CA GLY B 34 32.69 9.48 16.66
C GLY B 34 31.81 9.47 15.44
N LYS B 35 30.88 8.51 15.34
CA LYS B 35 29.98 8.43 14.20
C LYS B 35 28.67 9.15 14.51
N THR B 36 28.00 9.57 13.44
CA THR B 36 26.70 10.21 13.53
C THR B 36 25.67 9.32 12.84
N TYR B 37 24.74 8.77 13.63
CA TYR B 37 23.80 7.73 13.16
C TYR B 37 22.52 8.42 12.70
N LEU B 38 22.56 8.89 11.47
CA LEU B 38 21.41 9.49 10.83
C LEU B 38 21.11 8.77 9.52
N ASN B 39 19.90 8.25 9.38
CA ASN B 39 19.49 7.41 8.25
C ASN B 39 18.37 8.10 7.49
N TRP B 40 18.31 7.88 6.17
CA TRP B 40 17.17 8.32 5.37
C TRP B 40 16.48 7.13 4.72
N LEU B 41 15.13 7.15 4.72
CA LEU B 41 14.28 6.08 4.22
C LEU B 41 13.33 6.67 3.19
N LEU B 42 12.87 5.83 2.26
CA LEU B 42 11.78 6.17 1.33
C LEU B 42 10.74 5.08 1.42
N GLN B 43 9.46 5.45 1.60
CA GLN B 43 8.36 4.49 1.67
C GLN B 43 7.32 4.81 0.60
N ARG B 44 6.92 3.78 -0.14
CA ARG B 44 5.80 3.91 -1.09
C ARG B 44 4.57 3.24 -0.54
N PRO B 45 3.37 3.73 -0.91
CA PRO B 45 2.14 3.24 -0.28
C PRO B 45 1.98 1.74 -0.43
N GLY B 46 1.54 1.12 0.65
CA GLY B 46 1.31 -0.32 0.66
C GLY B 46 2.61 -1.07 0.49
N GLN B 47 3.72 -0.34 0.55
CA GLN B 47 5.03 -0.93 0.53
C GLN B 47 5.77 -0.57 1.81
N SER B 48 6.83 -1.31 2.05
CA SER B 48 7.66 -1.07 3.21
C SER B 48 8.64 0.08 2.94
N PRO B 49 9.24 0.63 3.98
CA PRO B 49 10.35 1.56 3.76
C PRO B 49 11.55 0.84 3.12
N LYS B 50 12.37 1.65 2.47
CA LYS B 50 13.64 1.22 1.91
C LYS B 50 14.69 2.18 2.42
N ARG B 51 15.83 1.68 2.93
CA ARG B 51 16.86 2.61 3.36
C ARG B 51 17.64 3.11 2.16
N LEU B 52 17.87 4.43 2.12
CA LEU B 52 18.65 5.07 1.06
C LEU B 52 20.04 5.47 1.52
N ILE B 53 20.15 5.97 2.75
CA ILE B 53 21.39 6.56 3.26
C ILE B 53 21.51 6.21 4.73
N SER B 54 22.75 5.96 5.17
CA SER B 54 23.08 5.76 6.58
C SER B 54 24.31 6.58 6.89
N LEU B 55 24.61 6.73 8.20
CA LEU B 55 25.79 7.50 8.64
C LEU B 55 25.88 8.85 7.91
N VAL B 56 24.72 9.52 7.80
CA VAL B 56 24.56 10.88 7.27
C VAL B 56 24.66 10.92 5.74
N SER B 57 25.70 10.32 5.17
CA SER B 57 26.03 10.56 3.76
C SER B 57 26.32 9.30 2.93
N GLU B 58 26.27 8.10 3.54
CA GLU B 58 26.69 6.87 2.86
C GLU B 58 25.51 6.23 2.13
N LEU B 59 25.57 6.21 0.78
CA LEU B 59 24.48 5.63 0.01
C LEU B 59 24.50 4.11 0.11
N ASP B 60 23.32 3.52 0.27
CA ASP B 60 23.23 2.06 0.21
C ASP B 60 23.44 1.55 -1.21
N SER B 61 23.81 0.28 -1.31
CA SER B 61 24.04 -0.35 -2.61
CA SER B 61 24.05 -0.32 -2.62
C SER B 61 22.80 -0.26 -3.49
N GLY B 62 22.98 0.16 -4.74
CA GLY B 62 21.89 0.26 -5.67
C GLY B 62 21.13 1.58 -5.66
N VAL B 63 21.39 2.45 -4.70
CA VAL B 63 20.71 3.75 -4.68
C VAL B 63 21.36 4.68 -5.70
N PRO B 64 20.60 5.35 -6.55
CA PRO B 64 21.21 6.19 -7.59
C PRO B 64 22.00 7.36 -7.02
N ASP B 65 23.07 7.74 -7.72
CA ASP B 65 23.90 8.84 -7.23
C ASP B 65 23.23 10.20 -7.36
N ARG B 66 21.99 10.28 -7.86
CA ARG B 66 21.23 11.50 -7.76
C ARG B 66 20.92 11.88 -6.33
N PHE B 67 21.01 10.93 -5.41
CA PHE B 67 20.74 11.17 -3.99
C PHE B 67 22.04 11.51 -3.28
N THR B 68 22.01 12.57 -2.45
CA THR B 68 23.14 12.84 -1.57
CA THR B 68 23.13 12.94 -1.61
C THR B 68 22.63 13.24 -0.20
N GLY B 69 23.40 12.87 0.81
CA GLY B 69 23.07 13.21 2.19
C GLY B 69 24.21 14.01 2.79
N SER B 70 23.85 15.02 3.58
CA SER B 70 24.87 15.87 4.19
C SER B 70 24.40 16.34 5.56
N GLY B 71 25.34 16.91 6.32
CA GLY B 71 25.01 17.54 7.58
C GLY B 71 25.92 17.09 8.68
N SER B 72 25.67 17.64 9.87
CA SER B 72 26.38 17.23 11.07
C SER B 72 25.68 17.84 12.28
N GLY B 73 25.94 17.25 13.44
CA GLY B 73 25.39 17.80 14.68
C GLY B 73 23.89 17.66 14.76
N THR B 74 23.18 18.77 14.48
CA THR B 74 21.71 18.78 14.49
C THR B 74 21.06 19.04 13.15
N ASP B 75 21.80 19.35 12.08
CA ASP B 75 21.20 19.83 10.83
C ASP B 75 21.61 18.92 9.67
N PHE B 76 20.61 18.28 9.04
CA PHE B 76 20.85 17.27 8.01
C PHE B 76 19.99 17.55 6.78
N THR B 77 20.50 17.15 5.62
CA THR B 77 19.80 17.42 4.36
C THR B 77 19.92 16.22 3.43
N LEU B 78 18.80 15.85 2.80
CA LEU B 78 18.81 14.90 1.70
C LEU B 78 18.53 15.71 0.45
N LYS B 79 19.39 15.56 -0.56
CA LYS B 79 19.13 16.24 -1.84
C LYS B 79 18.99 15.24 -2.97
N ILE B 80 18.12 15.59 -3.93
CA ILE B 80 17.99 14.86 -5.19
C ILE B 80 18.39 15.82 -6.30
N SER B 81 19.41 15.46 -7.08
CA SER B 81 19.93 16.40 -8.08
C SER B 81 18.90 16.69 -9.16
N ARG B 82 18.21 15.64 -9.61
CA ARG B 82 17.16 15.74 -10.63
CA ARG B 82 17.15 15.76 -10.60
C ARG B 82 16.14 14.66 -10.34
N VAL B 83 14.90 15.07 -10.04
CA VAL B 83 13.85 14.11 -9.67
C VAL B 83 13.44 13.25 -10.86
N GLU B 84 13.29 11.94 -10.60
CA GLU B 84 12.70 11.02 -11.55
C GLU B 84 11.35 10.50 -11.03
N ALA B 85 10.55 9.98 -11.97
CA ALA B 85 9.18 9.53 -11.63
C ALA B 85 9.17 8.54 -10.49
N GLU B 86 10.18 7.66 -10.41
CA GLU B 86 10.21 6.62 -9.40
CA GLU B 86 10.24 6.62 -9.40
C GLU B 86 10.61 7.11 -8.01
N ASP B 87 10.91 8.41 -7.84
CA ASP B 87 11.35 8.96 -6.56
C ASP B 87 10.18 9.33 -5.63
N LEU B 88 8.94 9.20 -6.10
CA LEU B 88 7.80 9.61 -5.28
C LEU B 88 7.63 8.70 -4.04
N GLY B 89 6.95 9.25 -3.04
CA GLY B 89 6.74 8.49 -1.82
C GLY B 89 6.93 9.38 -0.60
N VAL B 90 7.09 8.77 0.58
CA VAL B 90 7.30 9.54 1.79
C VAL B 90 8.72 9.26 2.27
N TYR B 91 9.53 10.32 2.40
CA TYR B 91 10.89 10.25 2.92
C TYR B 91 10.86 10.45 4.42
N TYR B 92 11.65 9.64 5.15
CA TYR B 92 11.78 9.80 6.60
C TYR B 92 13.26 9.85 6.97
N CYS B 93 13.62 10.71 7.91
CA CYS B 93 14.92 10.55 8.57
C CYS B 93 14.71 9.83 9.88
N TRP B 94 15.76 9.14 10.36
CA TRP B 94 15.64 8.63 11.71
C TRP B 94 17.01 8.51 12.33
N GLN B 95 17.01 8.77 13.63
CA GLN B 95 18.26 8.86 14.35
C GLN B 95 18.51 7.60 15.18
N GLY B 96 19.77 7.17 15.18
CA GLY B 96 20.21 5.97 15.86
C GLY B 96 21.14 6.23 17.01
N THR B 97 21.31 7.47 17.45
CA THR B 97 22.29 7.78 18.50
C THR B 97 21.71 7.74 19.91
N HIS B 98 20.45 8.09 20.06
CA HIS B 98 19.81 8.27 21.35
C HIS B 98 18.68 7.27 21.55
N PHE B 99 18.30 7.06 22.81
CA PHE B 99 17.13 6.24 23.15
C PHE B 99 16.00 7.13 23.66
N PRO B 100 14.76 6.93 23.17
CA PRO B 100 14.39 5.93 22.17
C PRO B 100 14.87 6.34 20.79
N ARG B 101 14.99 5.38 19.87
CA ARG B 101 15.20 5.77 18.48
C ARG B 101 13.98 6.54 18.02
N THR B 102 14.18 7.57 17.22
CA THR B 102 13.07 8.41 16.79
C THR B 102 13.17 8.72 15.31
N PHE B 103 12.01 8.98 14.69
CA PHE B 103 11.81 9.22 13.27
C PHE B 103 11.27 10.63 13.06
N GLY B 104 11.68 11.25 11.95
CA GLY B 104 10.98 12.47 11.50
C GLY B 104 9.56 12.15 11.08
N GLY B 105 8.76 13.22 10.90
CA GLY B 105 7.34 13.08 10.56
C GLY B 105 7.08 12.70 9.11
N GLY B 106 8.09 12.71 8.26
CA GLY B 106 7.93 12.38 6.85
C GLY B 106 7.76 13.61 5.97
N THR B 107 8.30 13.52 4.76
CA THR B 107 8.06 14.48 3.68
C THR B 107 7.50 13.72 2.49
N LYS B 108 6.32 14.11 2.02
CA LYS B 108 5.70 13.44 0.88
C LYS B 108 6.19 14.10 -0.40
N LEU B 109 6.81 13.32 -1.28
CA LEU B 109 7.25 13.82 -2.60
C LEU B 109 6.23 13.37 -3.61
N GLU B 110 5.60 14.34 -4.31
CA GLU B 110 4.61 14.03 -5.33
C GLU B 110 5.05 14.66 -6.65
N ILE B 111 4.69 14.02 -7.76
CA ILE B 111 5.13 14.42 -9.10
C ILE B 111 4.03 15.24 -9.76
N LYS B 112 4.38 16.41 -10.31
CA LYS B 112 3.51 17.17 -11.20
C LYS B 112 3.86 16.83 -12.64
N ARG B 113 2.84 16.66 -13.48
CA ARG B 113 3.06 16.26 -14.88
C ARG B 113 1.96 16.89 -15.71
N THR B 114 2.01 16.63 -17.03
CA THR B 114 0.96 17.16 -17.91
C THR B 114 -0.39 16.53 -17.59
N VAL B 115 -1.45 17.28 -17.95
CA VAL B 115 -2.79 16.72 -17.81
C VAL B 115 -2.93 15.51 -18.72
N ALA B 116 -3.58 14.46 -18.21
CA ALA B 116 -3.86 13.23 -18.95
C ALA B 116 -5.31 12.83 -18.70
N ALA B 117 -6.09 12.65 -19.78
CA ALA B 117 -7.49 12.23 -19.59
C ALA B 117 -7.60 10.77 -19.15
N PRO B 118 -8.64 10.44 -18.38
CA PRO B 118 -8.91 9.04 -18.04
C PRO B 118 -9.40 8.26 -19.23
N SER B 119 -9.06 6.97 -19.26
CA SER B 119 -9.75 5.97 -20.04
C SER B 119 -10.89 5.43 -19.19
N VAL B 120 -12.10 5.40 -19.74
CA VAL B 120 -13.30 5.10 -18.95
C VAL B 120 -13.93 3.79 -19.41
N PHE B 121 -14.30 2.96 -18.44
CA PHE B 121 -14.81 1.62 -18.68
C PHE B 121 -15.99 1.38 -17.74
N ILE B 122 -16.99 0.60 -18.18
CA ILE B 122 -18.06 0.22 -17.28
C ILE B 122 -18.27 -1.30 -17.30
N PHE B 123 -18.71 -1.83 -16.17
CA PHE B 123 -18.93 -3.26 -15.98
C PHE B 123 -20.30 -3.53 -15.39
N PRO B 124 -21.15 -4.31 -16.06
CA PRO B 124 -22.43 -4.72 -15.51
C PRO B 124 -22.22 -5.71 -14.37
N PRO B 125 -23.26 -5.97 -13.56
CA PRO B 125 -23.14 -6.99 -12.52
C PRO B 125 -23.02 -8.39 -13.11
N SER B 126 -22.37 -9.26 -12.36
CA SER B 126 -22.22 -10.66 -12.76
C SER B 126 -23.48 -11.44 -12.43
N ASP B 127 -23.68 -12.54 -13.17
CA ASP B 127 -24.79 -13.45 -12.84
C ASP B 127 -24.62 -14.05 -11.45
N GLU B 128 -23.38 -14.36 -11.05
CA GLU B 128 -23.14 -14.90 -9.72
C GLU B 128 -23.67 -13.96 -8.64
N GLN B 129 -23.36 -12.66 -8.74
CA GLN B 129 -23.82 -11.74 -7.71
C GLN B 129 -25.34 -11.56 -7.77
N LEU B 130 -25.90 -11.43 -8.97
CA LEU B 130 -27.36 -11.30 -9.08
C LEU B 130 -28.07 -12.47 -8.43
N LYS B 131 -27.52 -13.68 -8.58
CA LYS B 131 -28.11 -14.86 -7.95
C LYS B 131 -28.20 -14.70 -6.43
N SER B 132 -27.25 -13.97 -5.84
CA SER B 132 -27.23 -13.73 -4.40
C SER B 132 -28.15 -12.61 -3.93
N GLY B 133 -28.74 -11.84 -4.85
CA GLY B 133 -29.72 -10.84 -4.51
C GLY B 133 -29.24 -9.40 -4.56
N THR B 134 -28.04 -9.15 -5.09
CA THR B 134 -27.44 -7.82 -5.12
C THR B 134 -26.87 -7.55 -6.51
N ALA B 135 -26.76 -6.27 -6.88
CA ALA B 135 -26.19 -5.87 -8.16
C ALA B 135 -25.20 -4.74 -7.92
N SER B 136 -23.93 -5.00 -8.23
CA SER B 136 -22.92 -3.95 -8.22
C SER B 136 -22.50 -3.63 -9.64
N VAL B 137 -22.52 -2.34 -9.98
CA VAL B 137 -22.08 -1.83 -11.28
C VAL B 137 -20.79 -1.05 -11.03
N VAL B 138 -19.74 -1.29 -11.83
CA VAL B 138 -18.44 -0.65 -11.60
C VAL B 138 -18.07 0.27 -12.76
N CYS B 139 -17.64 1.47 -12.43
CA CYS B 139 -17.09 2.43 -13.38
C CYS B 139 -15.62 2.63 -13.07
N LEU B 140 -14.78 2.48 -14.09
CA LEU B 140 -13.32 2.52 -13.91
C LEU B 140 -12.74 3.67 -14.73
N LEU B 141 -11.90 4.51 -14.10
CA LEU B 141 -11.20 5.63 -14.74
C LEU B 141 -9.73 5.31 -14.64
N ASN B 142 -9.05 5.07 -15.76
CA ASN B 142 -7.65 4.62 -15.66
C ASN B 142 -6.68 5.71 -16.10
N ASN B 143 -5.59 5.85 -15.33
CA ASN B 143 -4.37 6.57 -15.71
C ASN B 143 -4.64 8.01 -16.15
N PHE B 144 -5.12 8.82 -15.19
CA PHE B 144 -5.40 10.23 -15.43
C PHE B 144 -4.60 11.13 -14.49
N TYR B 145 -4.49 12.41 -14.85
CA TYR B 145 -3.78 13.43 -14.06
C TYR B 145 -4.40 14.78 -14.40
N PRO B 146 -4.73 15.63 -13.41
CA PRO B 146 -4.53 15.50 -11.97
C PRO B 146 -5.55 14.56 -11.31
N ARG B 147 -5.38 14.41 -10.00
CA ARG B 147 -6.18 13.43 -9.26
C ARG B 147 -7.67 13.77 -9.20
N GLU B 148 -8.04 15.04 -9.33
CA GLU B 148 -9.43 15.45 -9.21
C GLU B 148 -10.24 14.95 -10.41
N ALA B 149 -11.28 14.17 -10.14
CA ALA B 149 -12.19 13.67 -11.17
C ALA B 149 -13.57 13.53 -10.56
N LYS B 150 -14.59 13.76 -11.38
CA LYS B 150 -15.98 13.66 -10.93
C LYS B 150 -16.64 12.50 -11.63
N VAL B 151 -17.20 11.57 -10.85
CA VAL B 151 -18.01 10.47 -11.35
C VAL B 151 -19.45 10.71 -10.93
N GLN B 152 -20.37 10.69 -11.89
CA GLN B 152 -21.79 10.83 -11.62
C GLN B 152 -22.51 9.60 -12.13
N TRP B 153 -23.16 8.86 -11.24
CA TRP B 153 -24.00 7.74 -11.65
C TRP B 153 -25.39 8.24 -12.08
N LYS B 154 -25.91 7.69 -13.18
CA LYS B 154 -27.27 7.99 -13.61
C LYS B 154 -27.99 6.68 -13.92
N VAL B 155 -29.24 6.58 -13.49
CA VAL B 155 -30.06 5.41 -13.73
C VAL B 155 -31.34 5.87 -14.41
N ASP B 156 -31.54 5.44 -15.65
CA ASP B 156 -32.63 5.97 -16.49
C ASP B 156 -32.62 7.50 -16.48
N ASN B 157 -31.40 8.05 -16.59
CA ASN B 157 -31.07 9.47 -16.66
C ASN B 157 -31.32 10.22 -15.35
N ALA B 158 -31.68 9.54 -14.26
CA ALA B 158 -31.83 10.17 -12.96
C ALA B 158 -30.50 10.14 -12.21
N LEU B 159 -30.06 11.30 -11.71
CA LEU B 159 -28.78 11.38 -11.02
C LEU B 159 -28.90 10.67 -9.67
N GLN B 160 -27.95 9.79 -9.38
CA GLN B 160 -27.95 9.00 -8.17
C GLN B 160 -27.18 9.71 -7.07
N SER B 161 -27.62 9.48 -5.83
CA SER B 161 -26.82 9.81 -4.66
C SER B 161 -27.06 8.75 -3.61
N GLY B 162 -26.00 8.33 -2.92
CA GLY B 162 -26.15 7.60 -1.67
C GLY B 162 -25.98 6.11 -1.77
N ASN B 163 -25.67 5.57 -2.95
CA ASN B 163 -25.54 4.13 -3.13
CA ASN B 163 -25.58 4.13 -3.20
C ASN B 163 -24.26 3.77 -3.88
N SER B 164 -23.23 4.63 -3.81
CA SER B 164 -21.98 4.33 -4.48
C SER B 164 -20.82 4.62 -3.52
N GLN B 165 -19.71 3.93 -3.78
CA GLN B 165 -18.45 4.20 -3.09
C GLN B 165 -17.34 4.21 -4.11
N GLU B 166 -16.33 5.04 -3.90
CA GLU B 166 -15.19 5.04 -4.81
C GLU B 166 -13.88 5.01 -4.04
N SER B 167 -12.83 4.62 -4.74
CA SER B 167 -11.48 4.80 -4.18
C SER B 167 -10.49 5.05 -5.30
N VAL B 168 -9.38 5.72 -4.94
CA VAL B 168 -8.36 6.15 -5.89
CA VAL B 168 -8.37 6.09 -5.93
C VAL B 168 -7.06 5.46 -5.55
N THR B 169 -6.30 5.08 -6.57
CA THR B 169 -4.98 4.51 -6.29
C THR B 169 -3.99 5.58 -5.82
N GLU B 170 -2.87 5.10 -5.27
CA GLU B 170 -1.69 5.93 -5.14
C GLU B 170 -1.21 6.39 -6.52
N GLN B 171 -0.40 7.46 -6.53
CA GLN B 171 0.21 7.91 -7.78
C GLN B 171 1.15 6.84 -8.33
N ASP B 172 1.10 6.66 -9.67
CA ASP B 172 1.89 5.62 -10.34
C ASP B 172 3.37 5.97 -10.38
N SER B 173 4.23 4.99 -10.09
CA SER B 173 5.67 5.26 -10.05
C SER B 173 6.33 5.37 -11.42
N LYS B 174 5.62 5.04 -12.50
CA LYS B 174 6.16 5.13 -13.85
C LYS B 174 5.59 6.28 -14.66
N ASP B 175 4.27 6.46 -14.65
CA ASP B 175 3.70 7.52 -15.47
C ASP B 175 3.05 8.63 -14.65
N SER B 176 3.13 8.57 -13.32
CA SER B 176 2.72 9.66 -12.41
C SER B 176 1.23 9.95 -12.48
N THR B 177 0.44 8.98 -12.92
CA THR B 177 -1.02 9.14 -12.98
C THR B 177 -1.73 8.45 -11.80
N TYR B 178 -3.06 8.64 -11.78
CA TYR B 178 -3.96 8.02 -10.81
C TYR B 178 -5.02 7.22 -11.55
N SER B 179 -5.65 6.29 -10.83
CA SER B 179 -6.81 5.58 -11.33
C SER B 179 -7.89 5.57 -10.27
N LEU B 180 -9.15 5.39 -10.70
CA LEU B 180 -10.28 5.49 -9.78
C LEU B 180 -11.28 4.40 -10.12
N SER B 181 -11.85 3.77 -9.10
CA SER B 181 -12.91 2.77 -9.25
C SER B 181 -14.11 3.21 -8.44
N SER B 182 -15.30 3.21 -9.06
CA SER B 182 -16.53 3.55 -8.37
C SER B 182 -17.52 2.40 -8.52
N THR B 183 -18.17 2.00 -7.42
CA THR B 183 -19.13 0.89 -7.40
C THR B 183 -20.49 1.44 -6.99
N LEU B 184 -21.49 1.27 -7.87
CA LEU B 184 -22.89 1.52 -7.56
C LEU B 184 -23.53 0.21 -7.15
N THR B 185 -24.12 0.14 -5.96
CA THR B 185 -24.69 -1.12 -5.47
C THR B 185 -26.18 -0.96 -5.16
N LEU B 186 -27.00 -1.84 -5.76
CA LEU B 186 -28.44 -1.87 -5.51
C LEU B 186 -28.84 -3.29 -5.18
N SER B 187 -30.00 -3.43 -4.53
CA SER B 187 -30.62 -4.74 -4.44
C SER B 187 -30.99 -5.20 -5.85
N LYS B 188 -31.07 -6.52 -6.03
CA LYS B 188 -31.53 -7.07 -7.31
C LYS B 188 -32.91 -6.54 -7.65
N ALA B 189 -33.79 -6.40 -6.66
CA ALA B 189 -35.14 -5.89 -6.92
C ALA B 189 -35.10 -4.47 -7.47
N ASP B 190 -34.28 -3.59 -6.87
CA ASP B 190 -34.17 -2.23 -7.38
C ASP B 190 -33.49 -2.21 -8.74
N TYR B 191 -32.43 -3.02 -8.91
CA TYR B 191 -31.73 -3.11 -10.18
C TYR B 191 -32.68 -3.44 -11.32
N GLU B 192 -33.59 -4.38 -11.09
CA GLU B 192 -34.49 -4.83 -12.15
C GLU B 192 -35.63 -3.85 -12.41
N LYS B 193 -35.70 -2.74 -11.68
CA LYS B 193 -36.72 -1.72 -11.93
C LYS B 193 -36.34 -0.72 -13.02
N HIS B 194 -35.10 -0.75 -13.51
CA HIS B 194 -34.58 0.30 -14.39
C HIS B 194 -33.85 -0.32 -15.56
N LYS B 195 -33.64 0.48 -16.61
CA LYS B 195 -33.04 -0.05 -17.83
C LYS B 195 -31.63 0.47 -18.09
N VAL B 196 -31.40 1.78 -18.08
CA VAL B 196 -30.14 2.36 -18.51
C VAL B 196 -29.30 2.68 -17.28
N TYR B 197 -28.08 2.14 -17.27
CA TYR B 197 -27.11 2.34 -16.19
C TYR B 197 -25.93 3.07 -16.80
N ALA B 198 -25.59 4.24 -16.26
CA ALA B 198 -24.57 5.08 -16.87
C ALA B 198 -23.67 5.72 -15.83
N CYS B 199 -22.40 5.87 -16.19
CA CYS B 199 -21.43 6.63 -15.40
CA CYS B 199 -21.52 6.70 -15.37
C CYS B 199 -20.97 7.80 -16.25
N GLU B 200 -21.06 9.02 -15.73
CA GLU B 200 -20.60 10.20 -16.45
C GLU B 200 -19.39 10.78 -15.73
N VAL B 201 -18.32 11.04 -16.50
CA VAL B 201 -17.00 11.39 -15.97
C VAL B 201 -16.62 12.79 -16.48
N THR B 202 -16.29 13.66 -15.53
CA THR B 202 -15.78 15.00 -15.81
C THR B 202 -14.33 15.09 -15.31
N HIS B 203 -13.43 15.57 -16.17
CA HIS B 203 -12.00 15.64 -15.85
C HIS B 203 -11.36 16.68 -16.77
N GLN B 204 -10.34 17.40 -16.24
CA GLN B 204 -9.71 18.47 -17.01
C GLN B 204 -9.06 18.00 -18.29
N GLY B 205 -8.78 16.71 -18.44
CA GLY B 205 -8.19 16.23 -19.69
C GLY B 205 -9.19 15.93 -20.78
N LEU B 206 -10.48 16.00 -20.45
CA LEU B 206 -11.56 15.75 -21.39
C LEU B 206 -12.14 17.07 -21.88
N SER B 207 -12.40 17.16 -23.19
CA SER B 207 -12.97 18.41 -23.69
C SER B 207 -14.44 18.58 -23.29
N SER B 208 -15.15 17.50 -23.00
CA SER B 208 -16.48 17.54 -22.42
C SER B 208 -16.69 16.23 -21.67
N PRO B 209 -17.75 16.13 -20.85
CA PRO B 209 -17.92 14.91 -20.05
C PRO B 209 -18.15 13.67 -20.91
N VAL B 210 -17.64 12.54 -20.42
CA VAL B 210 -17.71 11.26 -21.11
C VAL B 210 -18.71 10.38 -20.37
N THR B 211 -19.66 9.78 -21.10
CA THR B 211 -20.61 8.85 -20.49
C THR B 211 -20.40 7.46 -21.05
N LYS B 212 -20.30 6.47 -20.16
CA LYS B 212 -20.33 5.06 -20.52
C LYS B 212 -21.63 4.48 -19.98
N SER B 213 -22.35 3.72 -20.79
CA SER B 213 -23.62 3.19 -20.31
C SER B 213 -23.95 1.83 -20.93
N PHE B 214 -24.87 1.14 -20.30
CA PHE B 214 -25.44 -0.09 -20.87
C PHE B 214 -26.91 -0.21 -20.48
N ASN B 215 -27.63 -1.03 -21.25
CA ASN B 215 -29.01 -1.37 -20.96
C ASN B 215 -29.06 -2.72 -20.26
N ARG B 216 -29.76 -2.78 -19.13
CA ARG B 216 -29.93 -4.04 -18.41
C ARG B 216 -30.60 -5.07 -19.30
N GLY B 217 -30.12 -6.31 -19.21
CA GLY B 217 -30.68 -7.40 -20.01
C GLY B 217 -30.01 -7.53 -21.36
N GLU B 218 -29.89 -6.42 -22.10
CA GLU B 218 -29.04 -6.40 -23.27
C GLU B 218 -27.59 -6.59 -22.84
N CYS B 219 -27.21 -5.97 -21.72
CA CYS B 219 -25.87 -6.09 -21.15
C CYS B 219 -25.82 -5.94 -19.62
N PRO C 2 30.29 -5.32 -0.06
CA PRO C 2 30.53 -4.71 1.24
C PRO C 2 29.32 -4.86 2.17
N PRO C 3 29.58 -5.21 3.45
CA PRO C 3 28.46 -5.32 4.38
C PRO C 3 27.79 -3.97 4.57
N PRO C 4 26.49 -3.98 4.87
CA PRO C 4 25.80 -2.69 5.02
C PRO C 4 26.25 -1.96 6.27
N ASN C 5 26.21 -0.64 6.21
CA ASN C 5 26.43 0.16 7.40
C ASN C 5 25.32 -0.04 8.42
N PRO C 6 25.64 0.09 9.71
CA PRO C 6 24.61 0.01 10.74
C PRO C 6 23.69 1.24 10.74
N ASN C 7 22.45 1.04 11.22
CA ASN C 7 21.55 2.16 11.52
C ASN C 7 21.88 2.85 12.83
N ASP C 8 22.62 2.18 13.70
CA ASP C 8 22.70 2.56 15.10
C ASP C 8 23.70 1.60 15.73
N PRO C 9 24.33 1.98 16.82
CA PRO C 9 25.40 1.14 17.37
C PRO C 9 24.86 -0.13 18.04
N ALA C 10 25.61 -1.22 17.87
CA ALA C 10 25.30 -2.43 18.60
C ALA C 10 25.50 -2.20 20.10
N PRO C 11 24.83 -2.96 20.96
CA PRO C 11 25.05 -2.81 22.39
C PRO C 11 26.29 -3.58 22.82
N PRO C 12 26.95 -3.09 23.85
CA PRO C 12 28.03 -3.85 24.53
C PRO C 12 27.53 -5.18 25.08
N ASN C 13 28.47 -6.07 25.47
CA ASN C 13 28.03 -7.42 25.88
C ASN C 13 27.67 -7.53 27.36
C1 GOL D . -12.50 -0.20 -5.17
O1 GOL D . -11.65 -0.95 -4.25
C2 GOL D . -13.85 0.01 -4.42
O2 GOL D . -14.52 -1.20 -4.25
C3 GOL D . -14.73 1.05 -5.26
O3 GOL D . -15.03 0.54 -6.57
C1 GOL E . 2.74 5.13 14.30
O1 GOL E . 1.97 5.53 13.22
C2 GOL E . 2.46 6.11 15.44
O2 GOL E . 2.69 7.42 15.06
C3 GOL E . 1.01 5.85 15.80
O3 GOL E . 0.94 4.49 16.05
C1 GOL F . -19.05 -16.29 -7.03
O1 GOL F . -18.65 -15.88 -8.30
C2 GOL F . -17.78 -16.83 -6.36
O2 GOL F . -17.78 -18.21 -6.30
C3 GOL F . -17.74 -16.14 -4.97
O3 GOL F . -16.46 -16.30 -4.52
C1 GOL G . -0.34 -5.66 4.75
O1 GOL G . -0.57 -7.01 4.80
C2 GOL G . 1.12 -5.48 5.15
O2 GOL G . 1.98 -6.16 4.27
C3 GOL G . 1.31 -3.99 5.07
O3 GOL G . 2.66 -3.83 5.05
C1 GOL H . 2.96 10.21 7.38
O1 GOL H . 4.23 10.20 7.97
C2 GOL H . 3.12 10.86 6.00
O2 GOL H . 1.91 10.96 5.36
C3 GOL H . 3.79 12.24 6.26
O3 GOL H . 3.80 12.96 5.04
C1 GOL I . 13.87 6.01 -5.61
O1 GOL I . 14.32 6.12 -6.93
C2 GOL I . 14.50 4.70 -5.02
O2 GOL I . 14.16 3.59 -5.76
C3 GOL I . 16.01 4.99 -5.03
O3 GOL I . 16.66 3.80 -4.65
C1 GOL J . -1.02 2.97 -10.38
O1 GOL J . -1.63 4.18 -9.81
C2 GOL J . -0.26 1.95 -9.42
O2 GOL J . 0.89 2.42 -8.81
C3 GOL J . -1.28 1.38 -8.40
O3 GOL J . -2.23 0.64 -9.11
C1 GOL K . 3.30 20.26 -16.94
O1 GOL K . 4.30 20.03 -17.91
C2 GOL K . 3.99 20.90 -15.72
O2 GOL K . 3.17 20.96 -14.59
C3 GOL K . 5.26 20.05 -15.50
O3 GOL K . 4.96 18.74 -15.88
C1 GOL L . -14.82 8.19 -1.09
O1 GOL L . -15.14 9.43 -1.72
C2 GOL L . -16.17 7.39 -0.80
O2 GOL L . -16.88 7.08 -1.91
C3 GOL L . -15.84 6.08 0.02
O3 GOL L . -17.15 5.53 0.46
C1 GOL M . -10.98 9.93 -2.04
O1 GOL M . -9.77 9.34 -2.13
C2 GOL M . -11.22 10.20 -3.45
O2 GOL M . -11.39 11.57 -3.71
C3 GOL M . -12.39 9.31 -3.71
O3 GOL M . -13.51 10.11 -3.56
#